data_5GUY
#
_entry.id   5GUY
#
_cell.length_a   39.686
_cell.length_b   67.836
_cell.length_c   64.381
_cell.angle_alpha   90.00
_cell.angle_beta   90.35
_cell.angle_gamma   90.00
#
_symmetry.space_group_name_H-M   'P 1 21 1'
#
loop_
_entity.id
_entity.type
_entity.pdbx_description
1 polymer 'Uncharacterized protein chuY'
2 water water
#
_entity_poly.entity_id   1
_entity_poly.type   'polypeptide(L)'
_entity_poly.pdbx_seq_one_letter_code
;(MSE)TPWLLFGAGGKGVGARTLELALAEQRPVVAVIRHADAATKLAQQGVQVFTGDACDASVVAAACRAAGPDALIIST
(MSE)GGAQDYLAHRTVIDEAEKAGITR(MSE)ILVTSLGCGDSWPFLSERAKAAFGQAVREKTLAESWLQTSQLDYAIL
RPGGLLDGAATGKAQRIQNQECHGFINRADVAAHIHELANAPALNQQVYSLIEPDLKPALEHHHHHH
;
_entity_poly.pdbx_strand_id   A,B
#
# COMPACT_ATOMS: atom_id res chain seq x y z
N MSE A 1 16.47 23.92 24.16
CA MSE A 1 16.04 22.91 23.19
C MSE A 1 14.67 22.34 23.54
O MSE A 1 14.53 21.50 24.44
CB MSE A 1 17.07 21.77 23.12
CG MSE A 1 18.38 22.15 22.46
SE MSE A 1 18.38 21.89 20.51
CE MSE A 1 18.25 23.77 19.94
N THR A 2 13.65 22.81 22.84
CA THR A 2 12.28 22.33 22.98
C THR A 2 12.17 20.85 22.62
N PRO A 3 11.40 20.08 23.39
CA PRO A 3 11.14 18.68 23.04
C PRO A 3 10.28 18.52 21.77
N TRP A 4 10.65 17.55 20.94
CA TRP A 4 9.81 17.13 19.84
C TRP A 4 9.18 15.80 20.21
N LEU A 5 7.86 15.71 20.10
CA LEU A 5 7.17 14.44 20.22
C LEU A 5 6.74 13.97 18.83
N LEU A 6 7.36 12.90 18.34
CA LEU A 6 7.11 12.43 16.98
C LEU A 6 6.04 11.35 16.94
N PHE A 7 5.18 11.43 15.94
CA PHE A 7 4.24 10.35 15.63
C PHE A 7 4.50 9.87 14.20
N GLY A 8 4.58 8.56 14.01
CA GLY A 8 4.93 8.01 12.70
C GLY A 8 6.39 8.22 12.33
N ALA A 9 7.29 8.06 13.29
CA ALA A 9 8.69 8.37 13.07
C ALA A 9 9.52 7.11 12.84
N GLY A 10 8.89 6.04 12.37
CA GLY A 10 9.59 4.80 12.10
C GLY A 10 10.64 4.94 11.00
N GLY A 13 10.98 7.00 6.46
CA GLY A 13 10.00 8.02 6.11
C GLY A 13 10.42 9.42 6.50
N VAL A 14 9.54 10.39 6.29
CA VAL A 14 9.82 11.77 6.73
C VAL A 14 10.05 11.87 8.25
N GLY A 15 9.26 11.14 9.02
CA GLY A 15 9.38 11.14 10.46
C GLY A 15 10.73 10.63 10.94
N ALA A 16 11.19 9.54 10.32
CA ALA A 16 12.50 9.01 10.61
C ALA A 16 13.61 10.02 10.28
N ARG A 17 13.50 10.68 9.13
CA ARG A 17 14.47 11.71 8.77
C ARG A 17 14.40 12.88 9.75
N THR A 18 13.23 13.07 10.35
CA THR A 18 13.04 14.14 11.28
C THR A 18 13.66 13.74 12.59
N LEU A 19 13.59 12.44 12.90
CA LEU A 19 14.24 11.90 14.08
C LEU A 19 15.74 12.13 14.01
N GLU A 20 16.32 11.90 12.83
CA GLU A 20 17.75 12.11 12.61
C GLU A 20 18.22 13.55 12.85
N LEU A 21 17.57 14.51 12.19
CA LEU A 21 17.88 15.91 12.42
C LEU A 21 17.86 16.24 13.90
N ALA A 22 16.83 15.78 14.60
CA ALA A 22 16.71 16.05 16.03
C ALA A 22 17.90 15.46 16.78
N LEU A 23 18.28 14.24 16.42
CA LEU A 23 19.41 13.57 17.05
C LEU A 23 20.72 14.27 16.74
N ALA A 24 20.87 14.70 15.49
CA ALA A 24 22.07 15.38 15.05
C ALA A 24 22.17 16.78 15.66
N GLU A 25 21.27 17.09 16.54
CA GLU A 25 21.14 18.37 17.14
C GLU A 25 21.12 18.29 18.60
N GLN A 26 21.09 17.07 19.09
CA GLN A 26 21.05 16.80 20.54
C GLN A 26 19.77 17.29 21.25
N ARG A 27 18.68 17.30 20.52
CA ARG A 27 17.38 17.71 21.02
C ARG A 27 16.66 16.51 21.65
N PRO A 28 16.03 16.70 22.83
CA PRO A 28 15.27 15.59 23.44
C PRO A 28 14.05 15.24 22.60
N VAL A 29 13.82 13.95 22.39
CA VAL A 29 12.76 13.51 21.50
C VAL A 29 11.93 12.39 22.12
N VAL A 30 10.61 12.55 22.11
CA VAL A 30 9.72 11.44 22.42
C VAL A 30 9.13 10.92 21.12
N ALA A 31 8.98 9.60 21.00
CA ALA A 31 8.40 9.04 19.80
C ALA A 31 7.43 7.96 20.21
N VAL A 32 6.32 7.84 19.47
CA VAL A 32 5.52 6.64 19.57
C VAL A 32 5.87 5.77 18.38
N ILE A 33 6.29 4.54 18.66
CA ILE A 33 6.77 3.62 17.64
C ILE A 33 6.25 2.22 17.89
N VAL A 47 16.64 8.39 22.44
CA VAL A 47 15.28 8.91 22.44
C VAL A 47 14.26 8.03 23.19
N GLN A 48 13.41 8.67 23.99
CA GLN A 48 12.35 8.00 24.74
C GLN A 48 11.22 7.48 23.85
N VAL A 49 11.26 6.20 23.55
CA VAL A 49 10.24 5.55 22.73
C VAL A 49 9.09 4.93 23.53
N PHE A 50 7.85 5.29 23.18
CA PHE A 50 6.66 4.65 23.77
C PHE A 50 6.06 3.63 22.80
N CYS A 55 -2.65 5.85 17.99
CA CYS A 55 -4.05 5.41 17.97
C CYS A 55 -4.54 4.85 19.31
N ASP A 56 -3.60 4.34 20.11
CA ASP A 56 -3.90 3.81 21.43
C ASP A 56 -3.88 4.98 22.41
N ALA A 57 -5.04 5.41 22.86
CA ALA A 57 -5.10 6.62 23.68
C ALA A 57 -4.19 6.55 24.91
N SER A 58 -3.94 5.35 25.40
CA SER A 58 -3.15 5.17 26.61
C SER A 58 -1.69 5.47 26.30
N VAL A 59 -1.24 4.91 25.18
CA VAL A 59 0.09 5.17 24.69
C VAL A 59 0.24 6.66 24.37
N VAL A 60 -0.70 7.20 23.59
CA VAL A 60 -0.65 8.60 23.19
C VAL A 60 -0.72 9.57 24.38
N ALA A 61 -1.63 9.34 25.32
CA ALA A 61 -1.66 10.12 26.56
C ALA A 61 -0.33 10.05 27.31
N ALA A 62 0.22 8.85 27.41
CA ALA A 62 1.49 8.65 28.10
C ALA A 62 2.57 9.54 27.49
N ALA A 63 2.79 9.40 26.18
CA ALA A 63 3.83 10.17 25.48
C ALA A 63 3.67 11.68 25.55
N CYS A 64 2.44 12.15 25.66
CA CYS A 64 2.19 13.60 25.81
C CYS A 64 2.64 14.12 27.17
N ARG A 65 2.59 13.24 28.17
CA ARG A 65 3.11 13.57 29.49
C ARG A 65 4.66 13.62 29.47
N ALA A 66 5.29 12.56 28.96
CA ALA A 66 6.75 12.51 28.86
C ALA A 66 7.35 13.72 28.12
N ALA A 67 6.72 14.10 27.02
CA ALA A 67 7.20 15.23 26.21
C ALA A 67 7.21 16.54 26.99
N GLY A 68 6.18 16.75 27.81
CA GLY A 68 6.03 17.99 28.54
C GLY A 68 5.12 18.93 27.77
N PRO A 69 4.43 19.82 28.50
CA PRO A 69 3.42 20.67 27.87
C PRO A 69 4.07 21.71 26.96
N ASP A 70 5.39 21.70 26.91
CA ASP A 70 6.13 22.65 26.09
C ASP A 70 6.62 21.99 24.81
N ALA A 71 6.28 20.72 24.62
CA ALA A 71 6.70 19.98 23.44
C ALA A 71 6.06 20.52 22.18
N LEU A 72 6.73 20.30 21.05
CA LEU A 72 6.11 20.47 19.76
C LEU A 72 5.77 19.09 19.26
N ILE A 73 4.52 18.87 18.87
CA ILE A 73 4.18 17.61 18.22
C ILE A 73 4.46 17.68 16.72
N ILE A 74 5.11 16.65 16.20
CA ILE A 74 5.30 16.52 14.77
C ILE A 74 4.71 15.21 14.27
N SER A 75 3.67 15.30 13.46
CA SER A 75 2.97 14.12 13.00
C SER A 75 3.27 13.86 11.53
N THR A 76 3.70 12.64 11.24
CA THR A 76 4.03 12.24 9.88
C THR A 76 3.52 10.81 9.61
N MSE A 77 2.29 10.53 10.02
CA MSE A 77 1.73 9.17 9.99
C MSE A 77 1.18 8.68 8.65
O MSE A 77 1.00 9.46 7.72
CB MSE A 77 0.67 9.02 11.09
CG MSE A 77 1.25 9.04 12.49
SE MSE A 77 -0.03 8.65 13.89
CE MSE A 77 -0.71 10.43 14.21
N ASP A 82 -5.92 5.78 11.06
CA ASP A 82 -5.77 6.73 9.96
C ASP A 82 -6.25 8.09 10.42
N TYR A 83 -7.53 8.35 10.20
CA TYR A 83 -8.15 9.52 10.79
C TYR A 83 -8.17 9.32 12.30
N LEU A 84 -8.37 8.09 12.74
CA LEU A 84 -8.53 7.80 14.16
C LEU A 84 -7.24 8.09 14.96
N ALA A 85 -6.10 7.73 14.39
CA ALA A 85 -4.82 7.98 15.04
C ALA A 85 -4.63 9.47 15.24
N HIS A 86 -4.89 10.24 14.21
CA HIS A 86 -4.68 11.69 14.26
C HIS A 86 -5.57 12.38 15.29
N ARG A 87 -6.85 12.02 15.32
CA ARG A 87 -7.79 12.67 16.23
C ARG A 87 -7.40 12.39 17.67
N THR A 88 -6.95 11.16 17.91
CA THR A 88 -6.46 10.79 19.22
C THR A 88 -5.29 11.68 19.61
N VAL A 89 -4.32 11.81 18.70
CA VAL A 89 -3.17 12.65 18.92
C VAL A 89 -3.60 14.08 19.21
N ILE A 90 -4.39 14.66 18.31
CA ILE A 90 -4.83 16.04 18.49
C ILE A 90 -5.55 16.21 19.84
N ASP A 91 -6.40 15.25 20.18
CA ASP A 91 -7.18 15.29 21.42
C ASP A 91 -6.32 15.11 22.68
N GLU A 92 -5.38 14.16 22.64
CA GLU A 92 -4.51 13.91 23.79
C GLU A 92 -3.49 15.03 23.98
N ALA A 93 -3.16 15.70 22.89
CA ALA A 93 -2.24 16.84 22.96
C ALA A 93 -2.85 17.96 23.78
N GLU A 94 -4.11 18.26 23.51
CA GLU A 94 -4.79 19.37 24.18
C GLU A 94 -5.11 19.10 25.66
N LYS A 95 -5.47 17.85 25.97
CA LYS A 95 -5.68 17.45 27.36
C LYS A 95 -4.39 17.68 28.14
N ALA A 96 -3.28 17.27 27.52
CA ALA A 96 -1.95 17.28 28.14
C ALA A 96 -1.21 18.64 28.08
N GLY A 97 -1.90 19.70 27.71
CA GLY A 97 -1.31 21.03 27.75
C GLY A 97 -0.33 21.41 26.66
N ILE A 98 -0.14 20.54 25.68
CA ILE A 98 0.65 20.89 24.50
C ILE A 98 -0.16 21.86 23.61
N THR A 99 0.52 22.87 23.07
CA THR A 99 -0.20 23.88 22.32
C THR A 99 0.28 24.03 20.87
N ARG A 100 1.30 23.28 20.48
CA ARG A 100 1.84 23.41 19.12
C ARG A 100 2.13 22.11 18.35
N MSE A 101 1.57 22.00 17.15
CA MSE A 101 1.66 20.78 16.34
C MSE A 101 1.93 21.02 14.87
O MSE A 101 1.26 21.81 14.24
CB MSE A 101 0.37 19.99 16.43
CG MSE A 101 0.33 18.75 15.55
SE MSE A 101 -1.16 17.56 15.95
CE MSE A 101 -1.07 17.60 17.89
N ILE A 102 2.91 20.31 14.33
CA ILE A 102 3.10 20.27 12.88
C ILE A 102 2.55 18.94 12.34
N LEU A 103 1.54 19.04 11.48
CA LEU A 103 0.92 17.89 10.84
C LEU A 103 1.39 17.80 9.39
N VAL A 104 1.95 16.66 9.01
CA VAL A 104 2.38 16.47 7.64
C VAL A 104 1.39 15.56 6.97
N THR A 105 0.67 16.08 5.97
CA THR A 105 -0.23 15.24 5.18
C THR A 105 0.34 15.05 3.79
N SER A 106 -0.26 15.72 2.81
CA SER A 106 0.08 15.46 1.43
C SER A 106 -0.64 16.45 0.51
N LEU A 107 0.00 16.83 -0.59
CA LEU A 107 -0.72 17.50 -1.70
C LEU A 107 -1.94 16.65 -2.07
N GLY A 108 -3.04 17.30 -2.38
CA GLY A 108 -4.27 16.56 -2.66
C GLY A 108 -5.25 16.73 -1.53
N CYS A 109 -4.74 17.00 -0.35
CA CYS A 109 -5.58 17.13 0.85
C CYS A 109 -6.29 18.48 0.88
N GLY A 110 -7.40 18.52 1.60
CA GLY A 110 -8.17 19.75 1.76
C GLY A 110 -8.46 20.43 0.43
N ASP A 111 -8.14 21.70 0.35
CA ASP A 111 -8.49 22.49 -0.83
C ASP A 111 -7.52 22.32 -1.98
N SER A 112 -6.54 21.44 -1.83
CA SER A 112 -5.66 21.11 -2.94
C SER A 112 -6.22 19.91 -3.72
N TRP A 113 -7.26 19.29 -3.16
CA TRP A 113 -8.00 18.20 -3.84
C TRP A 113 -8.37 18.42 -5.33
N PRO A 114 -8.96 19.58 -5.70
CA PRO A 114 -9.31 19.74 -7.11
C PRO A 114 -8.10 19.76 -8.04
N PHE A 115 -6.89 19.75 -7.51
CA PHE A 115 -5.72 19.82 -8.37
C PHE A 115 -5.06 18.45 -8.54
N LEU A 116 -5.52 17.47 -7.78
CA LEU A 116 -5.08 16.10 -7.92
C LEU A 116 -5.65 15.51 -9.22
N SER A 117 -4.86 14.78 -10.01
CA SER A 117 -5.42 14.17 -11.23
C SER A 117 -6.40 13.06 -10.87
N GLU A 118 -7.39 12.81 -11.73
CA GLU A 118 -8.33 11.69 -11.55
C GLU A 118 -7.62 10.37 -11.25
N ARG A 119 -6.46 10.19 -11.89
CA ARG A 119 -5.67 8.98 -11.75
C ARG A 119 -5.13 8.91 -10.32
N ALA A 120 -4.68 10.06 -9.81
CA ALA A 120 -4.20 10.15 -8.43
C ALA A 120 -5.33 9.96 -7.40
N LYS A 121 -6.50 10.52 -7.68
CA LYS A 121 -7.67 10.31 -6.83
C LYS A 121 -8.01 8.81 -6.69
N ALA A 122 -8.03 8.09 -7.81
CA ALA A 122 -8.38 6.68 -7.79
C ALA A 122 -7.32 5.85 -7.07
N ALA A 123 -6.06 6.28 -7.12
CA ALA A 123 -4.99 5.53 -6.49
C ALA A 123 -4.77 5.86 -5.01
N PHE A 124 -4.84 7.15 -4.67
CA PHE A 124 -4.50 7.62 -3.33
C PHE A 124 -5.69 8.23 -2.59
N GLY A 125 -6.81 8.35 -3.30
CA GLY A 125 -8.01 8.98 -2.77
C GLY A 125 -8.35 8.65 -1.34
N GLN A 126 -8.46 7.36 -1.00
CA GLN A 126 -8.80 6.97 0.36
C GLN A 126 -7.83 7.57 1.37
N ALA A 127 -6.53 7.43 1.10
CA ALA A 127 -5.47 7.94 1.96
C ALA A 127 -5.53 9.46 2.10
N VAL A 128 -5.58 10.17 0.97
CA VAL A 128 -5.68 11.62 0.99
C VAL A 128 -6.96 12.10 1.68
N ARG A 129 -8.06 11.37 1.50
CA ARG A 129 -9.29 11.74 2.18
C ARG A 129 -9.28 11.58 3.72
N GLU A 130 -8.70 10.48 4.23
CA GLU A 130 -8.50 10.30 5.67
C GLU A 130 -7.64 11.41 6.24
N LYS A 131 -6.57 11.75 5.53
CA LYS A 131 -5.67 12.81 5.97
C LYS A 131 -6.31 14.20 5.91
N THR A 132 -7.26 14.35 5.00
CA THR A 132 -8.07 15.56 4.97
C THR A 132 -8.96 15.67 6.23
N LEU A 133 -9.49 14.54 6.70
CA LEU A 133 -10.22 14.52 7.96
C LEU A 133 -9.32 15.03 9.10
N ALA A 134 -8.09 14.54 9.14
CA ALA A 134 -7.12 14.93 10.16
C ALA A 134 -6.86 16.42 10.13
N GLU A 135 -6.73 16.97 8.92
CA GLU A 135 -6.50 18.40 8.76
C GLU A 135 -7.64 19.24 9.34
N SER A 136 -8.87 18.82 9.06
CA SER A 136 -9.99 19.65 9.48
C SER A 136 -10.13 19.58 11.00
N TRP A 137 -9.88 18.41 11.56
CA TRP A 137 -9.93 18.26 13.01
C TRP A 137 -8.93 19.21 13.67
N LEU A 138 -7.69 19.17 13.18
CA LEU A 138 -6.65 20.07 13.69
C LEU A 138 -6.98 21.54 13.43
N GLN A 139 -7.60 21.83 12.30
CA GLN A 139 -7.94 23.21 11.96
C GLN A 139 -9.07 23.78 12.82
N THR A 140 -9.83 22.90 13.45
CA THR A 140 -10.88 23.31 14.36
C THR A 140 -10.51 23.02 15.82
N SER A 141 -9.22 22.76 16.07
CA SER A 141 -8.70 22.57 17.42
C SER A 141 -8.24 23.92 17.97
N GLN A 142 -7.61 23.90 19.13
CA GLN A 142 -7.05 25.13 19.69
C GLN A 142 -5.54 25.15 19.66
N LEU A 143 -4.96 24.15 19.00
CA LEU A 143 -3.51 24.10 18.82
C LEU A 143 -3.00 25.19 17.87
N ASP A 144 -1.80 25.68 18.16
CA ASP A 144 -1.07 26.44 17.18
C ASP A 144 -0.51 25.38 16.25
N TYR A 145 -0.83 25.48 14.96
CA TYR A 145 -0.50 24.39 14.04
C TYR A 145 0.08 24.92 12.73
N ALA A 146 0.86 24.07 12.08
CA ALA A 146 1.18 24.25 10.68
C ALA A 146 0.84 22.93 10.00
N ILE A 147 0.28 23.01 8.79
CA ILE A 147 0.03 21.83 7.99
C ILE A 147 0.96 21.85 6.77
N LEU A 148 1.72 20.76 6.58
CA LEU A 148 2.58 20.58 5.41
C LEU A 148 2.05 19.54 4.41
N ARG A 149 1.94 19.96 3.16
CA ARG A 149 1.42 19.08 2.11
C ARG A 149 2.51 18.80 1.09
N PRO A 150 3.33 17.78 1.35
CA PRO A 150 4.44 17.43 0.46
C PRO A 150 3.91 16.88 -0.85
N GLY A 151 4.68 17.03 -1.92
CA GLY A 151 4.37 16.33 -3.15
C GLY A 151 4.82 14.88 -3.04
N GLY A 152 5.06 14.24 -4.19
CA GLY A 152 5.59 12.89 -4.22
C GLY A 152 6.86 12.76 -3.41
N LEU A 153 6.85 11.81 -2.48
CA LEU A 153 8.00 11.64 -1.59
C LEU A 153 9.10 10.81 -2.24
N LEU A 154 10.26 11.41 -2.42
CA LEU A 154 11.43 10.68 -2.87
C LEU A 154 12.40 10.54 -1.69
N ASP A 155 13.29 9.55 -1.77
CA ASP A 155 14.21 9.29 -0.66
C ASP A 155 15.68 9.74 -0.90
N GLY A 156 15.86 10.77 -1.71
CA GLY A 156 17.18 11.34 -1.91
C GLY A 156 17.66 12.13 -0.70
N ALA A 157 18.94 12.49 -0.69
CA ALA A 157 19.48 13.28 0.40
C ALA A 157 18.89 14.67 0.25
N ALA A 158 18.83 15.42 1.34
CA ALA A 158 18.20 16.73 1.27
C ALA A 158 18.97 17.66 0.38
N THR A 159 18.32 18.16 -0.66
CA THR A 159 18.76 19.38 -1.33
C THR A 159 18.46 20.47 -0.31
N GLY A 160 18.52 21.74 -0.68
CA GLY A 160 17.95 22.72 0.22
C GLY A 160 16.97 23.49 -0.61
N LYS A 161 16.46 22.84 -1.65
CA LYS A 161 15.81 23.56 -2.73
C LYS A 161 14.28 23.48 -2.72
N ALA A 162 13.72 22.84 -1.70
CA ALA A 162 12.27 22.73 -1.58
C ALA A 162 11.59 24.05 -1.19
N GLN A 163 10.45 24.34 -1.79
CA GLN A 163 9.73 25.57 -1.45
C GLN A 163 8.41 25.35 -0.70
N ARG A 164 8.18 26.22 0.28
CA ARG A 164 6.89 26.33 0.94
C ARG A 164 6.02 27.22 0.06
N ILE A 165 4.84 26.74 -0.29
CA ILE A 165 3.99 27.46 -1.20
C ILE A 165 2.59 27.57 -0.62
N GLN A 166 2.01 28.78 -0.68
CA GLN A 166 0.61 28.95 -0.29
C GLN A 166 -0.25 29.48 -1.43
N ASN A 167 -1.54 29.16 -1.39
CA ASN A 167 -2.54 29.76 -2.29
C ASN A 167 -2.21 29.54 -3.76
N GLN A 168 -1.65 28.38 -4.08
CA GLN A 168 -1.17 28.18 -5.42
C GLN A 168 -1.23 26.71 -5.78
N GLU A 169 -1.58 26.44 -7.04
CA GLU A 169 -1.53 25.10 -7.60
C GLU A 169 -0.10 24.58 -7.67
N CYS A 170 0.17 23.46 -7.01
CA CYS A 170 1.48 22.83 -7.06
C CYS A 170 1.41 21.40 -7.54
N HIS A 171 2.46 20.99 -8.25
CA HIS A 171 2.64 19.61 -8.61
C HIS A 171 4.13 19.34 -8.58
N GLY A 172 4.54 18.31 -7.86
CA GLY A 172 5.95 18.00 -7.79
C GLY A 172 6.36 16.91 -6.82
N PHE A 173 7.67 16.74 -6.70
CA PHE A 173 8.26 15.79 -5.78
C PHE A 173 9.08 16.54 -4.74
N ILE A 174 9.43 15.85 -3.67
CA ILE A 174 10.27 16.44 -2.64
C ILE A 174 10.94 15.31 -1.88
N ASN A 175 12.21 15.48 -1.53
CA ASN A 175 12.90 14.47 -0.73
C ASN A 175 12.38 14.49 0.69
N ARG A 176 12.25 13.30 1.29
CA ARG A 176 11.77 13.20 2.66
C ARG A 176 12.62 14.07 3.62
N ALA A 177 13.92 14.12 3.36
CA ALA A 177 14.85 14.87 4.20
C ALA A 177 14.66 16.37 4.11
N ASP A 178 14.13 16.85 2.99
CA ASP A 178 13.83 18.28 2.88
C ASP A 178 12.57 18.66 3.61
N VAL A 179 11.63 17.73 3.70
CA VAL A 179 10.43 17.97 4.47
C VAL A 179 10.88 18.07 5.92
N ALA A 180 11.84 17.23 6.29
CA ALA A 180 12.42 17.27 7.63
C ALA A 180 13.06 18.63 7.92
N ALA A 181 13.79 19.17 6.95
CA ALA A 181 14.43 20.48 7.09
C ALA A 181 13.42 21.61 7.21
N HIS A 182 12.29 21.48 6.51
CA HIS A 182 11.25 22.49 6.59
C HIS A 182 10.50 22.39 7.91
N ILE A 183 10.34 21.17 8.40
CA ILE A 183 9.75 20.93 9.73
C ILE A 183 10.58 21.63 10.79
N HIS A 184 11.90 21.52 10.66
CA HIS A 184 12.83 22.12 11.60
C HIS A 184 12.77 23.64 11.57
N GLU A 185 12.63 24.19 10.38
CA GLU A 185 12.57 25.64 10.24
C GLU A 185 11.31 26.16 10.90
N LEU A 186 10.20 25.43 10.69
CA LEU A 186 8.92 25.79 11.27
C LEU A 186 8.98 25.71 12.79
N ALA A 187 9.57 24.63 13.28
CA ALA A 187 9.79 24.45 14.70
C ALA A 187 10.52 25.63 15.36
N ASN A 188 11.52 26.21 14.70
CA ASN A 188 12.26 27.34 15.27
C ASN A 188 11.54 28.67 15.24
N ALA A 189 10.40 28.71 14.56
CA ALA A 189 9.63 29.93 14.43
C ALA A 189 8.93 30.24 15.76
N PRO A 190 8.73 31.53 16.03
CA PRO A 190 8.06 31.97 17.25
C PRO A 190 6.62 31.42 17.37
N ALA A 191 5.95 31.22 16.25
CA ALA A 191 4.64 30.59 16.29
C ALA A 191 4.37 29.96 14.92
N LEU A 192 3.54 28.93 14.90
CA LEU A 192 3.18 28.28 13.65
C LEU A 192 2.06 29.02 12.91
N ASN A 193 1.17 29.67 13.65
CA ASN A 193 0.15 30.56 13.08
C ASN A 193 -0.96 29.96 12.21
N GLN A 194 -1.28 28.69 12.45
CA GLN A 194 -2.36 28.05 11.72
C GLN A 194 -2.15 28.09 10.18
N GLN A 195 -0.91 28.00 9.72
CA GLN A 195 -0.63 28.02 8.29
C GLN A 195 -0.70 26.63 7.65
N VAL A 196 -1.08 26.61 6.37
CA VAL A 196 -1.06 25.41 5.55
C VAL A 196 -0.15 25.65 4.35
N TYR A 197 0.78 24.74 4.10
CA TYR A 197 1.68 24.87 2.95
C TYR A 197 1.78 23.62 2.09
N SER A 198 1.85 23.82 0.76
CA SER A 198 2.35 22.81 -0.15
C SER A 198 3.87 22.83 -0.06
N LEU A 199 4.49 21.67 -0.21
CA LEU A 199 5.94 21.56 -0.15
C LEU A 199 6.41 20.77 -1.35
N ILE A 200 7.00 21.47 -2.30
CA ILE A 200 7.61 20.82 -3.46
C ILE A 200 8.99 21.42 -3.73
N GLU A 201 9.83 20.62 -4.36
CA GLU A 201 11.01 21.18 -5.00
C GLU A 201 10.72 21.21 -6.50
N PRO A 202 10.46 22.41 -7.04
CA PRO A 202 10.20 22.47 -8.49
C PRO A 202 11.43 21.93 -9.21
N ASP A 203 11.21 21.19 -10.28
CA ASP A 203 12.28 20.64 -11.10
C ASP A 203 12.95 19.37 -10.56
N LEU A 204 12.54 18.88 -9.40
CA LEU A 204 13.06 17.58 -8.96
C LEU A 204 12.27 16.44 -9.63
N LYS A 205 12.98 15.52 -10.28
CA LYS A 205 12.37 14.38 -10.99
C LYS A 205 12.75 13.01 -10.36
N PRO A 206 11.81 12.05 -10.35
CA PRO A 206 12.07 10.77 -9.67
C PRO A 206 12.74 9.73 -10.56
N MSE B 1 -7.37 -5.32 8.98
CA MSE B 1 -7.04 -6.53 8.20
C MSE B 1 -5.91 -6.34 7.19
O MSE B 1 -5.52 -5.21 6.87
CB MSE B 1 -8.26 -7.05 7.44
CG MSE B 1 -9.49 -7.23 8.27
SE MSE B 1 -10.97 -7.66 7.07
CE MSE B 1 -10.49 -9.52 6.64
N THR B 2 -5.41 -7.46 6.70
CA THR B 2 -4.26 -7.49 5.78
C THR B 2 -4.67 -7.03 4.39
N PRO B 3 -3.90 -6.09 3.83
CA PRO B 3 -4.10 -5.61 2.46
C PRO B 3 -3.78 -6.69 1.39
N TRP B 4 -4.68 -6.81 0.43
CA TRP B 4 -4.44 -7.65 -0.74
C TRP B 4 -4.07 -6.73 -1.89
N LEU B 5 -3.03 -7.08 -2.62
CA LEU B 5 -2.68 -6.36 -3.83
C LEU B 5 -2.99 -7.29 -5.00
N LEU B 6 -3.91 -6.88 -5.87
CA LEU B 6 -4.41 -7.74 -6.93
C LEU B 6 -3.95 -7.30 -8.30
N PHE B 7 -3.34 -8.24 -9.03
CA PHE B 7 -3.08 -8.04 -10.44
C PHE B 7 -3.98 -8.99 -11.22
N GLY B 8 -4.62 -8.45 -12.25
CA GLY B 8 -5.45 -9.26 -13.12
C GLY B 8 -6.87 -9.31 -12.63
N ALA B 9 -7.22 -8.41 -11.73
CA ALA B 9 -8.57 -8.39 -11.17
C ALA B 9 -9.54 -7.54 -11.97
N GLY B 10 -9.20 -7.18 -13.20
CA GLY B 10 -10.14 -6.48 -14.07
C GLY B 10 -11.14 -7.45 -14.68
N GLY B 13 -13.28 -12.31 -14.23
CA GLY B 13 -12.47 -13.51 -14.07
C GLY B 13 -12.22 -13.91 -12.63
N VAL B 14 -11.19 -14.74 -12.41
CA VAL B 14 -10.88 -15.16 -11.05
C VAL B 14 -10.50 -13.97 -10.16
N GLY B 15 -9.75 -13.02 -10.73
CA GLY B 15 -9.35 -11.83 -10.01
C GLY B 15 -10.54 -11.00 -9.59
N ALA B 16 -11.52 -10.90 -10.48
CA ALA B 16 -12.79 -10.25 -10.18
C ALA B 16 -13.51 -10.94 -9.03
N ARG B 17 -13.66 -12.26 -9.13
CA ARG B 17 -14.27 -13.02 -8.04
C ARG B 17 -13.52 -12.82 -6.72
N THR B 18 -12.19 -12.76 -6.81
CA THR B 18 -11.36 -12.62 -5.63
C THR B 18 -11.53 -11.21 -5.08
N LEU B 19 -11.60 -10.23 -5.97
CA LEU B 19 -11.81 -8.85 -5.55
C LEU B 19 -13.16 -8.70 -4.82
N GLU B 20 -14.19 -9.39 -5.33
CA GLU B 20 -15.47 -9.43 -4.64
C GLU B 20 -15.34 -9.91 -3.18
N LEU B 21 -14.72 -11.08 -2.99
CA LEU B 21 -14.53 -11.59 -1.63
C LEU B 21 -13.88 -10.55 -0.75
N ALA B 22 -12.87 -9.87 -1.29
CA ALA B 22 -12.15 -8.89 -0.50
C ALA B 22 -13.08 -7.74 -0.13
N LEU B 23 -13.81 -7.23 -1.13
CA LEU B 23 -14.74 -6.11 -0.92
C LEU B 23 -15.88 -6.53 0.01
N ALA B 24 -16.30 -7.79 -0.08
CA ALA B 24 -17.32 -8.32 0.82
C ALA B 24 -16.81 -8.40 2.27
N GLU B 25 -15.50 -8.52 2.44
CA GLU B 25 -14.89 -8.63 3.77
C GLU B 25 -14.44 -7.28 4.32
N GLN B 26 -14.49 -6.26 3.47
CA GLN B 26 -14.00 -4.91 3.78
C GLN B 26 -12.51 -4.87 4.18
N ARG B 27 -11.67 -5.69 3.57
CA ARG B 27 -10.24 -5.55 3.77
C ARG B 27 -9.72 -4.56 2.75
N PRO B 28 -8.59 -3.88 3.05
CA PRO B 28 -8.09 -2.90 2.08
C PRO B 28 -7.64 -3.64 0.82
N VAL B 29 -7.91 -3.08 -0.36
CA VAL B 29 -7.56 -3.72 -1.61
C VAL B 29 -6.84 -2.73 -2.53
N VAL B 30 -5.63 -3.06 -2.95
CA VAL B 30 -4.97 -2.30 -4.00
C VAL B 30 -4.94 -3.11 -5.28
N ALA B 31 -5.39 -2.52 -6.39
CA ALA B 31 -5.45 -3.24 -7.66
C ALA B 31 -4.81 -2.43 -8.78
N VAL B 32 -4.24 -3.12 -9.78
CA VAL B 32 -3.78 -2.45 -10.98
C VAL B 32 -4.76 -2.82 -12.07
N ILE B 33 -5.34 -1.81 -12.72
CA ILE B 33 -6.33 -1.99 -13.79
C ILE B 33 -6.04 -1.12 -15.02
N ARG B 34 -6.40 -1.59 -16.21
CA ARG B 34 -5.84 -1.05 -17.47
C ARG B 34 -6.25 0.34 -18.08
N HIS B 35 -7.46 0.59 -18.60
CA HIS B 35 -8.79 0.07 -18.24
C HIS B 35 -9.26 0.54 -16.86
N THR B 40 -12.22 2.32 -12.41
CA THR B 40 -13.18 3.39 -12.68
C THR B 40 -14.37 3.26 -11.73
N LYS B 41 -15.21 2.27 -11.97
CA LYS B 41 -16.26 1.94 -11.03
C LYS B 41 -15.56 1.46 -9.76
N LEU B 42 -14.50 0.68 -9.98
CA LEU B 42 -13.81 -0.05 -8.93
C LEU B 42 -13.41 0.81 -7.75
N ALA B 43 -12.93 2.01 -8.04
CA ALA B 43 -12.52 2.91 -6.97
C ALA B 43 -13.75 3.45 -6.24
N GLN B 44 -14.91 3.41 -6.90
CA GLN B 44 -16.16 3.85 -6.26
C GLN B 44 -16.65 2.82 -5.23
N GLN B 45 -16.12 1.59 -5.34
CA GLN B 45 -16.36 0.52 -4.37
C GLN B 45 -15.38 0.57 -3.19
N GLY B 46 -14.41 1.46 -3.25
CA GLY B 46 -13.44 1.54 -2.18
C GLY B 46 -12.07 0.95 -2.50
N VAL B 47 -11.90 0.44 -3.71
CA VAL B 47 -10.59 -0.11 -4.09
C VAL B 47 -9.62 1.03 -4.38
N GLN B 48 -8.45 0.97 -3.78
CA GLN B 48 -7.38 1.89 -4.09
C GLN B 48 -6.70 1.43 -5.40
N VAL B 49 -7.15 1.95 -6.53
CA VAL B 49 -6.72 1.41 -7.82
C VAL B 49 -5.73 2.27 -8.63
N PHE B 50 -4.71 1.61 -9.18
CA PHE B 50 -3.69 2.22 -10.02
C PHE B 50 -3.89 1.89 -11.51
N THR B 51 -3.94 2.92 -12.34
CA THR B 51 -4.23 2.71 -13.76
C THR B 51 -2.96 2.46 -14.56
N GLY B 52 -2.98 1.43 -15.40
CA GLY B 52 -1.82 1.07 -16.20
C GLY B 52 -1.71 -0.42 -16.50
N ASP B 53 -0.58 -0.81 -17.10
CA ASP B 53 -0.31 -2.21 -17.42
C ASP B 53 0.71 -2.71 -16.42
N ALA B 54 0.67 -4.01 -16.18
CA ALA B 54 1.55 -4.66 -15.21
C ALA B 54 2.98 -4.77 -15.70
N CYS B 55 3.22 -4.51 -16.98
CA CYS B 55 4.59 -4.50 -17.48
C CYS B 55 5.23 -3.15 -17.19
N ASP B 56 4.41 -2.18 -16.76
CA ASP B 56 4.88 -0.85 -16.37
C ASP B 56 5.40 -0.86 -14.94
N ALA B 57 6.71 -0.75 -14.77
CA ALA B 57 7.31 -0.91 -13.46
C ALA B 57 6.95 0.26 -12.56
N SER B 58 6.55 1.37 -13.16
CA SER B 58 6.20 2.55 -12.40
C SER B 58 4.88 2.33 -11.71
N VAL B 59 3.91 1.83 -12.48
CA VAL B 59 2.59 1.55 -11.91
C VAL B 59 2.72 0.46 -10.84
N VAL B 60 3.42 -0.61 -11.20
CA VAL B 60 3.60 -1.74 -10.32
C VAL B 60 4.35 -1.39 -9.03
N ALA B 61 5.43 -0.63 -9.16
CA ALA B 61 6.21 -0.24 -7.97
C ALA B 61 5.39 0.69 -7.08
N ALA B 62 4.59 1.54 -7.70
CA ALA B 62 3.74 2.45 -6.95
C ALA B 62 2.71 1.67 -6.15
N ALA B 63 1.99 0.77 -6.84
CA ALA B 63 0.99 -0.08 -6.19
C ALA B 63 1.55 -0.92 -5.03
N CYS B 64 2.80 -1.37 -5.16
CA CYS B 64 3.45 -2.12 -4.09
C CYS B 64 3.74 -1.26 -2.85
N ARG B 65 4.15 -0.02 -3.07
CA ARG B 65 4.34 0.87 -1.94
C ARG B 65 3.00 1.18 -1.27
N ALA B 66 1.96 1.46 -2.05
CA ALA B 66 0.65 1.77 -1.46
C ALA B 66 0.07 0.59 -0.67
N ALA B 67 0.32 -0.64 -1.13
CA ALA B 67 -0.14 -1.83 -0.41
C ALA B 67 0.69 -2.10 0.85
N GLY B 68 1.95 -1.65 0.85
CA GLY B 68 2.80 -1.79 2.01
C GLY B 68 3.41 -3.18 2.12
N PRO B 69 4.52 -3.30 2.85
CA PRO B 69 5.30 -4.53 2.92
C PRO B 69 4.59 -5.68 3.60
N ASP B 70 3.38 -5.45 4.07
CA ASP B 70 2.60 -6.49 4.74
C ASP B 70 1.49 -7.05 3.83
N ALA B 71 1.38 -6.50 2.63
CA ALA B 71 0.36 -6.94 1.71
C ALA B 71 0.61 -8.36 1.26
N LEU B 72 -0.47 -9.03 0.86
CA LEU B 72 -0.33 -10.26 0.12
C LEU B 72 -0.63 -9.91 -1.31
N ILE B 73 0.24 -10.31 -2.23
CA ILE B 73 -0.09 -10.20 -3.65
C ILE B 73 -0.80 -11.44 -4.16
N ILE B 74 -1.90 -11.23 -4.86
CA ILE B 74 -2.58 -12.28 -5.58
C ILE B 74 -2.56 -11.93 -7.05
N SER B 75 -2.00 -12.82 -7.86
CA SER B 75 -1.93 -12.56 -9.30
C SER B 75 -2.77 -13.55 -10.10
N THR B 76 -3.69 -13.01 -10.91
CA THR B 76 -4.62 -13.81 -11.69
C THR B 76 -4.68 -13.30 -13.11
N MSE B 77 -3.51 -12.98 -13.67
CA MSE B 77 -3.43 -12.31 -14.97
C MSE B 77 -3.66 -13.21 -16.19
O MSE B 77 -3.02 -14.25 -16.31
CB MSE B 77 -2.10 -11.58 -15.10
CG MSE B 77 -2.07 -10.34 -14.25
SE MSE B 77 -0.51 -9.20 -14.46
CE MSE B 77 0.81 -10.15 -13.37
N ASP B 82 2.78 -10.88 -20.76
CA ASP B 82 2.33 -11.94 -19.86
C ASP B 82 3.46 -12.38 -18.93
N TYR B 83 4.55 -12.87 -19.51
CA TYR B 83 5.70 -13.24 -18.71
C TYR B 83 6.34 -11.98 -18.12
N LEU B 84 6.48 -10.97 -18.95
CA LEU B 84 7.21 -9.78 -18.55
C LEU B 84 6.41 -9.07 -17.47
N ALA B 85 5.10 -9.13 -17.60
CA ALA B 85 4.22 -8.55 -16.60
C ALA B 85 4.48 -9.25 -15.27
N HIS B 86 4.53 -10.57 -15.30
CA HIS B 86 4.70 -11.32 -14.07
C HIS B 86 6.04 -11.01 -13.44
N ARG B 87 7.10 -11.03 -14.25
CA ARG B 87 8.43 -10.80 -13.71
C ARG B 87 8.54 -9.43 -13.07
N THR B 88 7.93 -8.46 -13.73
CA THR B 88 7.85 -7.11 -13.21
C THR B 88 7.23 -7.10 -11.82
N VAL B 89 6.10 -7.79 -11.69
CA VAL B 89 5.39 -7.84 -10.43
C VAL B 89 6.27 -8.50 -9.38
N ILE B 90 6.89 -9.62 -9.74
CA ILE B 90 7.70 -10.35 -8.77
C ILE B 90 8.90 -9.52 -8.33
N ASP B 91 9.54 -8.84 -9.28
CA ASP B 91 10.70 -8.00 -8.95
C ASP B 91 10.31 -6.81 -8.09
N GLU B 92 9.29 -6.05 -8.53
CA GLU B 92 8.83 -4.89 -7.79
C GLU B 92 8.41 -5.24 -6.40
N ALA B 93 7.80 -6.41 -6.24
CA ALA B 93 7.34 -6.85 -4.94
C ALA B 93 8.53 -7.03 -3.99
N GLU B 94 9.61 -7.60 -4.50
CA GLU B 94 10.82 -7.80 -3.69
C GLU B 94 11.48 -6.49 -3.26
N LYS B 95 11.71 -5.58 -4.22
CA LYS B 95 12.17 -4.23 -3.93
C LYS B 95 11.34 -3.57 -2.81
N ALA B 96 10.02 -3.76 -2.88
CA ALA B 96 9.10 -3.07 -1.97
C ALA B 96 8.88 -3.77 -0.62
N GLY B 97 9.68 -4.79 -0.34
CA GLY B 97 9.58 -5.52 0.91
C GLY B 97 8.39 -6.46 1.10
N ILE B 98 7.58 -6.66 0.07
CA ILE B 98 6.50 -7.64 0.13
C ILE B 98 7.11 -9.03 0.12
N THR B 99 6.60 -9.92 0.96
CA THR B 99 7.20 -11.24 1.09
C THR B 99 6.23 -12.37 0.77
N ARG B 100 5.00 -12.03 0.38
CA ARG B 100 3.97 -13.05 0.16
C ARG B 100 3.17 -12.92 -1.13
N MSE B 101 3.09 -14.01 -1.89
CA MSE B 101 2.40 -14.00 -3.18
C MSE B 101 1.73 -15.31 -3.61
O MSE B 101 2.34 -16.36 -3.63
CB MSE B 101 3.39 -13.59 -4.28
CG MSE B 101 2.81 -13.67 -5.66
SE MSE B 101 3.92 -12.71 -6.95
CE MSE B 101 3.02 -13.32 -8.56
N ILE B 102 0.46 -15.21 -3.95
CA ILE B 102 -0.24 -16.32 -4.54
C ILE B 102 -0.34 -16.05 -6.03
N LEU B 103 0.23 -16.92 -6.84
CA LEU B 103 0.17 -16.79 -8.29
C LEU B 103 -0.79 -17.83 -8.87
N VAL B 104 -1.75 -17.36 -9.65
CA VAL B 104 -2.67 -18.27 -10.29
C VAL B 104 -2.29 -18.43 -11.75
N THR B 105 -2.03 -19.67 -12.17
CA THR B 105 -1.75 -19.97 -13.56
C THR B 105 -2.80 -20.93 -14.10
N SER B 106 -2.38 -22.15 -14.38
CA SER B 106 -3.28 -23.06 -15.06
C SER B 106 -2.69 -24.45 -15.04
N LEU B 107 -3.55 -25.48 -15.02
CA LEU B 107 -3.13 -26.84 -15.40
C LEU B 107 -2.39 -26.85 -16.75
N GLY B 108 -1.40 -27.72 -16.89
CA GLY B 108 -0.54 -27.72 -18.08
C GLY B 108 0.77 -26.97 -17.86
N CYS B 109 0.83 -26.11 -16.85
CA CYS B 109 2.03 -25.34 -16.56
C CYS B 109 3.10 -26.19 -15.88
N GLY B 110 4.35 -25.81 -16.09
CA GLY B 110 5.47 -26.43 -15.41
C GLY B 110 5.46 -27.93 -15.58
N ASP B 111 5.55 -28.66 -14.48
CA ASP B 111 5.67 -30.11 -14.59
C ASP B 111 4.36 -30.78 -14.95
N SER B 112 3.27 -30.02 -15.00
CA SER B 112 2.01 -30.61 -15.46
C SER B 112 1.89 -30.59 -16.97
N TRP B 113 2.85 -29.94 -17.64
CA TRP B 113 2.92 -29.91 -19.10
C TRP B 113 2.83 -31.26 -19.88
N PRO B 114 3.48 -32.34 -19.39
CA PRO B 114 3.39 -33.59 -20.16
C PRO B 114 1.99 -34.22 -20.18
N PHE B 115 1.15 -33.93 -19.18
CA PHE B 115 -0.12 -34.64 -19.04
C PHE B 115 -1.26 -33.90 -19.69
N LEU B 116 -0.91 -32.85 -20.44
CA LEU B 116 -1.87 -32.02 -21.14
C LEU B 116 -2.09 -32.59 -22.56
N SER B 117 -3.34 -32.66 -23.02
CA SER B 117 -3.63 -33.22 -24.35
C SER B 117 -3.10 -32.37 -25.51
N GLU B 118 -3.00 -32.99 -26.68
CA GLU B 118 -2.48 -32.34 -27.88
C GLU B 118 -3.34 -31.15 -28.30
N ARG B 119 -4.66 -31.31 -28.14
CA ARG B 119 -5.59 -30.27 -28.53
C ARG B 119 -5.51 -29.09 -27.57
N ALA B 120 -5.47 -29.39 -26.27
CA ALA B 120 -5.28 -28.35 -25.26
C ALA B 120 -3.94 -27.67 -25.49
N LYS B 121 -2.95 -28.46 -25.87
CA LYS B 121 -1.63 -27.92 -26.13
C LYS B 121 -1.63 -26.99 -27.35
N ALA B 122 -2.39 -27.35 -28.38
CA ALA B 122 -2.51 -26.52 -29.57
C ALA B 122 -3.25 -25.22 -29.28
N ALA B 123 -4.28 -25.27 -28.43
CA ALA B 123 -5.13 -24.10 -28.15
C ALA B 123 -4.62 -23.13 -27.09
N PHE B 124 -3.95 -23.66 -26.08
CA PHE B 124 -3.56 -22.83 -24.93
C PHE B 124 -2.05 -22.90 -24.64
N GLY B 125 -1.34 -23.65 -25.48
CA GLY B 125 0.07 -23.92 -25.33
C GLY B 125 0.94 -22.72 -25.05
N GLN B 126 0.90 -21.71 -25.92
CA GLN B 126 1.78 -20.56 -25.73
C GLN B 126 1.43 -19.70 -24.51
N ALA B 127 0.15 -19.70 -24.15
CA ALA B 127 -0.30 -19.04 -22.93
C ALA B 127 0.28 -19.80 -21.76
N VAL B 128 0.05 -21.11 -21.75
CA VAL B 128 0.59 -21.96 -20.73
C VAL B 128 2.09 -21.82 -20.63
N ARG B 129 2.80 -21.77 -21.76
CA ARG B 129 4.25 -21.60 -21.74
C ARG B 129 4.69 -20.29 -21.07
N GLU B 130 4.02 -19.19 -21.42
CA GLU B 130 4.33 -17.89 -20.80
C GLU B 130 4.13 -17.88 -19.29
N LYS B 131 3.08 -18.57 -18.84
CA LYS B 131 2.79 -18.66 -17.42
C LYS B 131 3.75 -19.60 -16.72
N THR B 132 4.27 -20.56 -17.45
CA THR B 132 5.32 -21.41 -16.93
C THR B 132 6.60 -20.60 -16.66
N LEU B 133 6.91 -19.64 -17.54
CA LEU B 133 8.00 -18.72 -17.27
C LEU B 133 7.74 -17.93 -15.98
N ALA B 134 6.49 -17.50 -15.82
CA ALA B 134 6.07 -16.77 -14.62
C ALA B 134 6.34 -17.62 -13.39
N GLU B 135 5.90 -18.87 -13.43
CA GLU B 135 6.12 -19.80 -12.33
C GLU B 135 7.60 -19.95 -11.98
N SER B 136 8.44 -20.06 -12.99
CA SER B 136 9.89 -20.23 -12.82
C SER B 136 10.51 -19.07 -12.07
N TRP B 137 10.17 -17.86 -12.49
CA TRP B 137 10.68 -16.66 -11.85
C TRP B 137 10.30 -16.65 -10.37
N LEU B 138 9.02 -16.92 -10.08
CA LEU B 138 8.55 -16.94 -8.70
C LEU B 138 9.21 -18.03 -7.88
N GLN B 139 9.37 -19.21 -8.47
CA GLN B 139 9.97 -20.33 -7.74
C GLN B 139 11.46 -20.12 -7.44
N THR B 140 12.09 -19.18 -8.14
CA THR B 140 13.48 -18.85 -7.86
C THR B 140 13.66 -17.46 -7.21
N SER B 141 12.56 -16.88 -6.74
CA SER B 141 12.57 -15.60 -6.03
C SER B 141 12.71 -15.88 -4.53
N GLN B 142 12.68 -14.82 -3.74
CA GLN B 142 12.79 -14.92 -2.28
C GLN B 142 11.42 -14.87 -1.61
N LEU B 143 10.37 -14.72 -2.40
CA LEU B 143 9.03 -14.67 -1.86
C LEU B 143 8.57 -16.00 -1.24
N ASP B 144 7.69 -15.91 -0.25
CA ASP B 144 6.94 -17.06 0.23
C ASP B 144 5.73 -17.11 -0.71
N TYR B 145 5.45 -18.24 -1.33
CA TYR B 145 4.48 -18.25 -2.41
C TYR B 145 3.66 -19.51 -2.47
N ALA B 146 2.44 -19.40 -3.00
CA ALA B 146 1.71 -20.56 -3.47
C ALA B 146 1.39 -20.34 -4.93
N ILE B 147 1.45 -21.40 -5.71
CA ILE B 147 1.01 -21.39 -7.10
C ILE B 147 -0.21 -22.30 -7.22
N LEU B 148 -1.29 -21.76 -7.78
CA LEU B 148 -2.52 -22.53 -8.04
C LEU B 148 -2.67 -22.79 -9.54
N ARG B 149 -2.90 -24.04 -9.90
CA ARG B 149 -3.08 -24.40 -11.31
C ARG B 149 -4.52 -24.88 -11.53
N PRO B 150 -5.43 -23.95 -11.83
CA PRO B 150 -6.82 -24.41 -11.97
C PRO B 150 -7.04 -25.13 -13.29
N GLY B 151 -7.98 -26.08 -13.31
CA GLY B 151 -8.47 -26.62 -14.56
C GLY B 151 -9.29 -25.58 -15.29
N GLY B 152 -10.08 -26.02 -16.27
CA GLY B 152 -10.94 -25.15 -17.04
C GLY B 152 -11.85 -24.32 -16.17
N LEU B 153 -11.95 -23.04 -16.51
CA LEU B 153 -12.69 -22.12 -15.66
C LEU B 153 -14.11 -22.02 -16.11
N LEU B 154 -15.02 -22.37 -15.21
CA LEU B 154 -16.44 -22.22 -15.45
C LEU B 154 -16.99 -21.07 -14.62
N ASP B 155 -18.29 -20.81 -14.72
CA ASP B 155 -18.85 -19.64 -14.04
C ASP B 155 -19.91 -19.88 -12.98
N GLY B 156 -19.85 -21.03 -12.32
CA GLY B 156 -20.84 -21.32 -11.29
C GLY B 156 -20.51 -20.63 -9.98
N ALA B 157 -21.38 -20.82 -8.99
CA ALA B 157 -21.10 -20.34 -7.67
C ALA B 157 -20.13 -21.30 -7.03
N ALA B 158 -19.34 -20.78 -6.10
CA ALA B 158 -18.50 -21.63 -5.30
C ALA B 158 -19.28 -22.78 -4.68
N THR B 159 -18.91 -23.99 -5.09
CA THR B 159 -19.25 -25.18 -4.33
C THR B 159 -18.22 -25.14 -3.24
N GLY B 160 -18.16 -26.12 -2.34
CA GLY B 160 -17.02 -26.11 -1.45
C GLY B 160 -16.13 -27.27 -1.82
N LYS B 161 -16.30 -27.73 -3.06
CA LYS B 161 -15.88 -29.09 -3.41
C LYS B 161 -14.57 -29.18 -4.22
N ALA B 162 -14.01 -28.03 -4.64
CA ALA B 162 -12.73 -28.04 -5.35
C ALA B 162 -11.58 -28.48 -4.45
N GLN B 163 -10.77 -29.40 -4.95
CA GLN B 163 -9.62 -29.91 -4.22
C GLN B 163 -8.28 -29.30 -4.62
N ARG B 164 -7.41 -29.04 -3.65
CA ARG B 164 -6.01 -28.77 -3.89
C ARG B 164 -5.22 -30.08 -3.97
N ILE B 165 -4.74 -30.40 -5.16
CA ILE B 165 -4.04 -31.65 -5.40
C ILE B 165 -2.59 -31.41 -5.80
N GLN B 166 -1.67 -32.18 -5.24
CA GLN B 166 -0.26 -32.01 -5.59
C GLN B 166 0.29 -33.21 -6.35
N ASN B 167 0.31 -34.36 -5.69
CA ASN B 167 1.10 -35.49 -6.19
C ASN B 167 0.56 -36.10 -7.49
N GLN B 168 -0.54 -35.56 -8.00
CA GLN B 168 -1.18 -36.13 -9.17
C GLN B 168 -1.02 -35.24 -10.38
N GLU B 169 -1.20 -35.86 -11.54
CA GLU B 169 -1.62 -35.13 -12.72
C GLU B 169 -3.14 -35.29 -12.70
N CYS B 170 -3.84 -34.36 -13.33
CA CYS B 170 -5.29 -34.42 -13.37
C CYS B 170 -5.88 -33.43 -14.36
N HIS B 171 -7.14 -33.66 -14.69
CA HIS B 171 -7.84 -32.86 -15.67
C HIS B 171 -9.18 -32.56 -15.09
N GLY B 172 -9.81 -31.51 -15.59
CA GLY B 172 -11.12 -31.14 -15.09
C GLY B 172 -11.35 -29.65 -15.04
N PHE B 173 -12.44 -29.27 -14.40
CA PHE B 173 -12.87 -27.88 -14.37
C PHE B 173 -13.02 -27.40 -12.94
N ILE B 174 -13.20 -26.09 -12.81
CA ILE B 174 -13.38 -25.46 -11.53
C ILE B 174 -14.06 -24.11 -11.77
N ASN B 175 -14.97 -23.74 -10.88
CA ASN B 175 -15.58 -22.43 -10.91
C ASN B 175 -14.61 -21.38 -10.43
N ARG B 176 -14.64 -20.22 -11.11
CA ARG B 176 -13.80 -19.09 -10.75
C ARG B 176 -13.94 -18.72 -9.27
N ALA B 177 -15.17 -18.76 -8.77
CA ALA B 177 -15.45 -18.42 -7.38
C ALA B 177 -14.84 -19.42 -6.40
N ASP B 178 -14.64 -20.66 -6.83
CA ASP B 178 -13.94 -21.63 -6.00
C ASP B 178 -12.44 -21.39 -5.95
N VAL B 179 -11.88 -20.89 -7.06
CA VAL B 179 -10.48 -20.53 -7.04
C VAL B 179 -10.32 -19.39 -6.04
N ALA B 180 -11.30 -18.49 -6.02
CA ALA B 180 -11.25 -17.34 -5.13
C ALA B 180 -11.36 -17.82 -3.70
N ALA B 181 -12.24 -18.77 -3.44
CA ALA B 181 -12.38 -19.34 -2.11
C ALA B 181 -11.09 -19.98 -1.63
N HIS B 182 -10.37 -20.63 -2.54
CA HIS B 182 -9.10 -21.24 -2.17
C HIS B 182 -8.02 -20.21 -1.98
N ILE B 183 -8.04 -19.15 -2.79
CA ILE B 183 -7.11 -18.04 -2.60
C ILE B 183 -7.29 -17.48 -1.18
N HIS B 184 -8.54 -17.35 -0.77
CA HIS B 184 -8.88 -16.93 0.59
C HIS B 184 -8.33 -17.83 1.72
N GLU B 185 -8.49 -19.15 1.56
CA GLU B 185 -7.96 -20.12 2.51
C GLU B 185 -6.46 -19.96 2.64
N LEU B 186 -5.79 -19.87 1.49
CA LEU B 186 -4.34 -19.74 1.47
C LEU B 186 -3.89 -18.45 2.14
N ALA B 187 -4.63 -17.37 1.93
CA ALA B 187 -4.32 -16.08 2.53
C ALA B 187 -4.43 -16.07 4.05
N ASN B 188 -5.32 -16.92 4.59
CA ASN B 188 -5.43 -17.07 6.04
C ASN B 188 -4.44 -18.09 6.62
N ALA B 189 -3.58 -18.64 5.79
CA ALA B 189 -2.63 -19.64 6.27
C ALA B 189 -1.44 -18.97 6.95
N PRO B 190 -0.80 -19.66 7.91
CA PRO B 190 0.37 -19.07 8.57
C PRO B 190 1.53 -18.83 7.62
N ALA B 191 1.61 -19.58 6.52
CA ALA B 191 2.65 -19.44 5.53
C ALA B 191 2.17 -20.11 4.23
N LEU B 192 2.75 -19.74 3.10
CA LEU B 192 2.37 -20.31 1.83
C LEU B 192 3.25 -21.52 1.50
N ASN B 193 4.51 -21.46 1.93
CA ASN B 193 5.44 -22.60 1.88
C ASN B 193 5.97 -23.07 0.53
N GLN B 194 5.95 -22.18 -0.46
CA GLN B 194 6.45 -22.54 -1.80
C GLN B 194 5.73 -23.74 -2.43
N GLN B 195 4.44 -23.89 -2.14
CA GLN B 195 3.65 -24.99 -2.63
C GLN B 195 3.05 -24.73 -4.02
N VAL B 196 2.87 -25.82 -4.78
CA VAL B 196 2.19 -25.78 -6.07
C VAL B 196 1.00 -26.73 -6.06
N TYR B 197 -0.16 -26.24 -6.45
CA TYR B 197 -1.38 -27.04 -6.44
C TYR B 197 -2.11 -26.99 -7.76
N SER B 198 -2.57 -28.16 -8.20
CA SER B 198 -3.65 -28.23 -9.16
C SER B 198 -4.95 -28.00 -8.41
N LEU B 199 -5.91 -27.40 -9.09
CA LEU B 199 -7.18 -27.06 -8.48
C LEU B 199 -8.27 -27.46 -9.42
N ILE B 200 -8.87 -28.60 -9.16
CA ILE B 200 -10.02 -29.01 -9.95
C ILE B 200 -11.13 -29.37 -8.97
N GLU B 201 -12.36 -29.40 -9.47
CA GLU B 201 -13.42 -30.04 -8.72
C GLU B 201 -13.74 -31.34 -9.43
N PRO B 202 -13.43 -32.48 -8.77
CA PRO B 202 -13.70 -33.79 -9.40
C PRO B 202 -15.18 -33.86 -9.70
N ASP B 203 -15.55 -34.23 -10.92
CA ASP B 203 -16.95 -34.42 -11.33
C ASP B 203 -17.61 -33.16 -11.87
N LEU B 204 -16.97 -32.01 -11.74
CA LEU B 204 -17.53 -30.80 -12.33
C LEU B 204 -17.37 -30.82 -13.86
N LYS B 205 -18.49 -30.74 -14.58
CA LYS B 205 -18.47 -30.69 -16.05
C LYS B 205 -19.18 -29.43 -16.52
N PRO B 206 -18.81 -28.92 -17.70
CA PRO B 206 -19.58 -27.81 -18.23
C PRO B 206 -21.04 -28.21 -18.50
#